data_5E5O
#
_entry.id   5E5O
#
_cell.length_a   61.327
_cell.length_b   67.993
_cell.length_c   97.743
_cell.angle_alpha   90.00
_cell.angle_beta   90.00
_cell.angle_gamma   90.00
#
_symmetry.space_group_name_H-M   'P 21 21 21'
#
loop_
_entity.id
_entity.type
_entity.pdbx_description
1 polymer 'I-SmaMI LAGLIDADG endonuclease'
2 polymer 'DNA (25-MER)'
3 polymer 'Top strand DNA (25-MER)'
4 non-polymer 'CALCIUM ION'
5 non-polymer 1,2-ETHANEDIOL
6 water water
#
loop_
_entity_poly.entity_id
_entity_poly.type
_entity_poly.pdbx_seq_one_letter_code
_entity_poly.pdbx_strand_id
1 'polypeptide(L)'
;SKGENSKLNPWAVVGFIDAEGSFMVRVRKNSKYKTGWLVVAIFSVTVDKKDLFLLESLKTFFGGLGSIKKSGNSTFSYRI
ESSEQLTKIILPFFDKYSLITEKLGDYLLFKKVLELMGTKEHLTQRGLEKIVSLKASINKGLSEELQAAFPQCVPTPRPE
INNKNIPDPFWLAGFVSGDGSFKSILKKSESIKVGFQSILVFQITQHARDVKLMESLISYLGCGFIEKDSRGPWLYYTVT
NFSDIQGKIIPFFHQYKIIGSKYGDYMDWCKIALIMQNKNHLTPEGLNEIRALKGGMNKGRL
;
A
2 'polydeoxyribonucleotide'
;(DC)(DG)(DT)(DA)(DC)(DA)(DC)(DC)(DT)(DG)(DA)(DT)(DA)(DA)(DT)(DG)(DG)(DA)(DG)(DG)
(DA)(DT)(DA)(DC)(DC)
;
B
3 'polydeoxyribonucleotide'
;(DG)(DG)(DT)(DA)(DT)(DC)(DC)(DT)(DC)(DC)(DA)(DT)(DT)(DA)(DT)(DC)(DA)(DG)(DG)(DT)
(DG)(DT)(DA)(DC)(DG)
;
C
#
# COMPACT_ATOMS: atom_id res chain seq x y z
N LYS A 7 -7.56 -14.77 7.65
CA LYS A 7 -7.49 -13.98 8.91
C LYS A 7 -6.15 -13.24 8.93
N LEU A 8 -6.11 -12.15 9.68
CA LEU A 8 -5.09 -11.12 9.52
C LEU A 8 -4.15 -11.01 10.74
N ASN A 9 -2.87 -10.98 10.44
CA ASN A 9 -1.78 -10.98 11.35
C ASN A 9 -1.34 -9.46 11.49
N PRO A 10 -1.01 -8.95 12.72
CA PRO A 10 -0.63 -7.50 12.87
C PRO A 10 0.37 -6.91 11.83
N TRP A 11 1.47 -7.60 11.59
CA TRP A 11 2.50 -7.18 10.64
C TRP A 11 2.00 -7.15 9.24
N ALA A 12 1.01 -8.02 8.91
CA ALA A 12 0.41 -7.94 7.59
C ALA A 12 -0.48 -6.78 7.44
N VAL A 13 -1.14 -6.39 8.51
CA VAL A 13 -1.91 -5.20 8.46
C VAL A 13 -1.00 -3.99 8.25
N VAL A 14 0.07 -3.87 9.01
CA VAL A 14 1.05 -2.83 8.80
C VAL A 14 1.59 -2.84 7.35
N GLY A 15 1.99 -3.97 6.84
CA GLY A 15 2.46 -3.95 5.47
C GLY A 15 1.40 -3.46 4.48
N PHE A 16 0.20 -4.06 4.63
CA PHE A 16 -0.87 -3.65 3.76
C PHE A 16 -1.09 -2.16 3.81
N ILE A 17 -1.01 -1.62 4.99
CA ILE A 17 -1.28 -0.19 5.19
C ILE A 17 -0.14 0.70 4.74
N ASP A 18 1.10 0.29 4.95
CA ASP A 18 2.24 0.88 4.32
C ASP A 18 2.02 1.07 2.83
N ALA A 19 1.40 0.09 2.19
CA ALA A 19 1.11 0.11 0.78
C ALA A 19 -0.15 0.86 0.44
N GLU A 20 -1.27 0.67 1.17
CA GLU A 20 -2.60 1.23 0.73
C GLU A 20 -3.33 2.25 1.65
N GLY A 21 -3.02 2.36 2.90
CA GLY A 21 -3.68 3.44 3.70
C GLY A 21 -3.45 4.90 3.34
N SER A 22 -4.35 5.79 3.78
CA SER A 22 -4.03 7.19 3.86
C SER A 22 -4.32 7.67 5.21
N PHE A 23 -3.45 8.53 5.72
CA PHE A 23 -3.63 9.17 7.03
C PHE A 23 -3.82 10.63 6.72
N MET A 24 -5.04 11.14 6.87
CA MET A 24 -5.33 12.45 6.35
C MET A 24 -5.72 13.42 7.42
N VAL A 25 -5.45 14.70 7.19
CA VAL A 25 -6.03 15.81 8.02
C VAL A 25 -6.70 16.82 7.13
N ARG A 26 -7.89 17.20 7.54
CA ARG A 26 -8.68 18.18 6.87
C ARG A 26 -8.92 19.39 7.79
N VAL A 27 -8.80 20.58 7.22
CA VAL A 27 -9.13 21.84 7.88
C VAL A 27 -10.14 22.60 6.96
N ARG A 28 -11.40 22.62 7.38
CA ARG A 28 -12.49 23.08 6.52
C ARG A 28 -13.11 24.32 7.11
N LYS A 29 -13.39 25.28 6.23
CA LYS A 29 -13.93 26.59 6.63
C LYS A 29 -15.41 26.42 6.94
N ASN A 30 -15.76 26.93 8.12
CA ASN A 30 -17.14 26.93 8.59
C ASN A 30 -17.24 27.92 9.73
N SER A 31 -18.02 28.99 9.50
CA SER A 31 -18.17 30.13 10.47
C SER A 31 -18.89 29.77 11.75
N LYS A 32 -19.50 28.59 11.80
CA LYS A 32 -20.09 28.12 13.03
C LYS A 32 -19.03 27.74 14.08
N TYR A 33 -17.79 27.44 13.68
CA TYR A 33 -16.72 27.11 14.67
C TYR A 33 -16.08 28.43 15.10
N LYS A 34 -15.76 28.56 16.39
CA LYS A 34 -15.10 29.76 16.97
C LYS A 34 -13.87 30.23 16.21
N THR A 35 -13.07 29.32 15.68
CA THR A 35 -11.86 29.69 14.95
C THR A 35 -12.15 29.98 13.48
N GLY A 36 -13.35 29.65 12.99
CA GLY A 36 -13.68 29.69 11.57
C GLY A 36 -13.42 28.37 10.87
N TRP A 37 -12.82 27.44 11.60
CA TRP A 37 -12.42 26.19 11.02
C TRP A 37 -12.70 24.96 11.90
N LEU A 38 -13.04 23.89 11.17
CA LEU A 38 -13.27 22.55 11.71
C LEU A 38 -12.11 21.67 11.30
N VAL A 39 -11.52 21.02 12.28
CA VAL A 39 -10.38 20.14 12.07
C VAL A 39 -10.87 18.69 12.16
N VAL A 40 -10.42 17.86 11.23
CA VAL A 40 -10.85 16.46 11.19
C VAL A 40 -9.64 15.63 10.77
N ALA A 41 -9.47 14.47 11.43
CA ALA A 41 -8.46 13.50 11.11
C ALA A 41 -9.09 12.18 10.66
N ILE A 42 -8.50 11.59 9.61
CA ILE A 42 -9.13 10.48 8.89
C ILE A 42 -8.13 9.39 8.51
N PHE A 43 -8.42 8.16 8.93
CA PHE A 43 -7.74 6.98 8.44
C PHE A 43 -8.61 6.26 7.40
N SER A 44 -8.04 5.97 6.23
CA SER A 44 -8.80 5.64 5.04
C SER A 44 -8.11 4.55 4.34
N VAL A 45 -8.85 3.51 3.95
CA VAL A 45 -8.38 2.55 3.02
C VAL A 45 -9.50 2.20 2.02
N THR A 46 -9.11 2.25 0.73
CA THR A 46 -9.96 2.21 -0.45
C THR A 46 -9.45 1.08 -1.35
N VAL A 47 -10.32 0.13 -1.63
CA VAL A 47 -10.03 -1.04 -2.48
C VAL A 47 -11.15 -1.22 -3.50
N ASP A 48 -10.88 -1.98 -4.55
CA ASP A 48 -11.92 -2.34 -5.51
C ASP A 48 -12.96 -3.20 -4.82
N LYS A 49 -14.18 -3.17 -5.30
CA LYS A 49 -15.28 -3.91 -4.68
C LYS A 49 -15.06 -5.40 -4.56
N LYS A 50 -14.25 -5.97 -5.45
CA LYS A 50 -13.84 -7.39 -5.32
C LYS A 50 -13.07 -7.74 -4.05
N ASP A 51 -12.53 -6.73 -3.36
CA ASP A 51 -11.92 -6.87 -2.07
C ASP A 51 -12.71 -6.37 -0.87
N LEU A 52 -14.03 -6.35 -0.96
CA LEU A 52 -14.82 -6.00 0.21
C LEU A 52 -14.52 -6.88 1.41
N PHE A 53 -14.32 -8.18 1.17
CA PHE A 53 -13.97 -9.15 2.20
C PHE A 53 -12.85 -8.61 3.08
N LEU A 54 -11.84 -8.08 2.43
CA LEU A 54 -10.66 -7.59 3.06
C LEU A 54 -10.92 -6.31 3.85
N LEU A 55 -11.75 -5.41 3.31
CA LEU A 55 -12.25 -4.27 4.12
C LEU A 55 -13.00 -4.67 5.40
N GLU A 56 -13.81 -5.73 5.33
CA GLU A 56 -14.53 -6.23 6.55
C GLU A 56 -13.56 -6.86 7.57
N SER A 57 -12.50 -7.54 7.07
CA SER A 57 -11.51 -8.11 7.97
C SER A 57 -10.81 -7.00 8.77
N LEU A 58 -10.30 -6.01 8.07
CA LEU A 58 -9.64 -4.87 8.70
C LEU A 58 -10.55 -4.25 9.74
N LYS A 59 -11.78 -4.04 9.34
CA LYS A 59 -12.79 -3.55 10.26
C LYS A 59 -12.86 -4.40 11.47
N THR A 60 -13.05 -5.68 11.25
CA THR A 60 -13.06 -6.64 12.37
C THR A 60 -11.79 -6.59 13.20
N PHE A 61 -10.63 -6.55 12.55
CA PHE A 61 -9.34 -6.49 13.20
C PHE A 61 -9.22 -5.32 14.12
N PHE A 62 -9.70 -4.15 13.66
CA PHE A 62 -9.66 -2.92 14.41
C PHE A 62 -10.92 -2.74 15.29
N GLY A 63 -11.46 -3.84 15.78
CA GLY A 63 -12.48 -3.83 16.81
C GLY A 63 -13.89 -3.57 16.38
N GLY A 64 -14.18 -3.73 15.10
CA GLY A 64 -15.52 -3.45 14.56
C GLY A 64 -15.83 -1.97 14.42
N LEU A 65 -14.79 -1.14 14.45
CA LEU A 65 -14.91 0.32 14.46
C LEU A 65 -14.78 0.90 13.02
N GLY A 66 -15.37 2.07 12.79
CA GLY A 66 -15.37 2.69 11.44
C GLY A 66 -16.42 2.16 10.45
N SER A 67 -16.51 2.77 9.26
CA SER A 67 -17.53 2.47 8.24
C SER A 67 -16.90 2.06 6.98
N ILE A 68 -17.67 1.24 6.24
CA ILE A 68 -17.38 0.92 4.87
C ILE A 68 -18.48 1.45 3.95
N LYS A 69 -18.04 2.21 2.97
CA LYS A 69 -18.92 2.96 2.07
C LYS A 69 -18.39 2.94 0.66
N LYS A 70 -19.30 3.06 -0.30
CA LYS A 70 -18.96 3.35 -1.69
C LYS A 70 -18.00 4.58 -1.85
N SER A 71 -16.89 4.40 -2.56
CA SER A 71 -16.00 5.54 -2.83
C SER A 71 -16.08 6.05 -4.26
N GLY A 72 -15.68 5.25 -5.22
CA GLY A 72 -15.69 5.56 -6.65
C GLY A 72 -16.76 4.71 -7.32
N ASN A 73 -16.67 4.60 -8.65
CA ASN A 73 -17.64 3.85 -9.42
C ASN A 73 -17.59 2.33 -9.13
N SER A 74 -16.44 1.84 -8.71
CA SER A 74 -16.35 0.45 -8.38
C SER A 74 -15.39 0.14 -7.20
N THR A 75 -15.23 1.10 -6.27
CA THR A 75 -14.32 1.03 -5.13
C THR A 75 -15.10 1.29 -3.86
N PHE A 76 -14.60 0.76 -2.76
CA PHE A 76 -15.14 1.04 -1.43
C PHE A 76 -14.03 1.57 -0.52
N SER A 77 -14.41 2.40 0.46
CA SER A 77 -13.51 2.90 1.49
C SER A 77 -13.91 2.33 2.87
N TYR A 78 -12.91 1.93 3.66
CA TYR A 78 -13.10 1.79 5.12
C TYR A 78 -12.41 2.99 5.73
N ARG A 79 -13.17 3.73 6.56
CA ARG A 79 -12.77 4.99 7.22
C ARG A 79 -13.02 5.04 8.69
N ILE A 80 -12.10 5.65 9.42
CA ILE A 80 -12.34 6.05 10.81
C ILE A 80 -12.02 7.55 10.89
N GLU A 81 -13.04 8.34 11.24
CA GLU A 81 -13.08 9.81 11.21
C GLU A 81 -13.31 10.36 12.59
N SER A 82 -13.69 9.51 13.54
CA SER A 82 -13.78 9.89 14.94
C SER A 82 -12.40 10.02 15.49
N SER A 83 -12.06 11.23 15.89
CA SER A 83 -10.74 11.44 16.53
C SER A 83 -10.57 10.70 17.84
N GLU A 84 -11.67 10.39 18.47
CA GLU A 84 -11.65 9.62 19.67
C GLU A 84 -11.31 8.19 19.44
N GLN A 85 -12.03 7.55 18.54
CA GLN A 85 -11.73 6.19 18.08
C GLN A 85 -10.25 6.07 17.57
N LEU A 86 -9.75 7.05 16.77
CA LEU A 86 -8.35 7.04 16.21
C LEU A 86 -7.33 7.02 17.29
N THR A 87 -7.57 7.82 18.29
CA THR A 87 -6.72 7.83 19.46
C THR A 87 -6.79 6.55 20.28
N LYS A 88 -7.93 5.93 20.38
CA LYS A 88 -7.98 4.78 21.23
C LYS A 88 -7.60 3.50 20.52
N ILE A 89 -7.85 3.40 19.22
CA ILE A 89 -7.64 2.16 18.55
C ILE A 89 -6.49 2.24 17.53
N ILE A 90 -6.42 3.26 16.66
CA ILE A 90 -5.41 3.33 15.56
C ILE A 90 -4.04 3.70 16.14
N LEU A 91 -3.94 4.79 16.91
CA LEU A 91 -2.61 5.21 17.45
C LEU A 91 -1.87 4.15 18.26
N PRO A 92 -2.55 3.47 19.21
CA PRO A 92 -1.86 2.38 19.86
C PRO A 92 -1.52 1.20 18.98
N PHE A 93 -2.34 0.82 18.00
CA PHE A 93 -1.81 -0.24 17.11
C PHE A 93 -0.53 0.22 16.35
N PHE A 94 -0.52 1.41 15.73
CA PHE A 94 0.68 1.80 14.89
C PHE A 94 1.88 2.30 15.69
N ASP A 95 1.68 2.75 16.93
CA ASP A 95 2.82 2.97 17.85
C ASP A 95 3.51 1.66 18.25
N LYS A 96 2.76 0.57 18.31
CA LYS A 96 3.35 -0.72 18.66
C LYS A 96 3.87 -1.45 17.42
N TYR A 97 3.15 -1.33 16.31
CA TYR A 97 3.48 -2.01 15.07
C TYR A 97 3.67 -0.98 13.99
N SER A 98 4.90 -0.50 13.88
CA SER A 98 5.20 0.66 12.98
C SER A 98 5.37 0.42 11.48
N LEU A 99 4.84 1.37 10.73
CA LEU A 99 5.09 1.58 9.32
C LEU A 99 6.60 1.86 9.08
N ILE A 100 7.11 1.39 7.96
CA ILE A 100 8.53 1.57 7.61
C ILE A 100 8.81 2.34 6.26
N THR A 101 7.77 2.63 5.46
CA THR A 101 7.88 3.44 4.22
C THR A 101 7.73 4.90 4.67
N GLU A 102 7.76 5.82 3.73
CA GLU A 102 7.48 7.21 4.00
C GLU A 102 6.09 7.52 4.45
N LYS A 103 5.13 6.64 4.27
CA LYS A 103 3.84 6.76 4.92
C LYS A 103 4.03 6.96 6.45
N LEU A 104 5.11 6.45 7.04
CA LEU A 104 5.39 6.71 8.45
C LEU A 104 5.43 8.20 8.81
N GLY A 105 6.02 9.01 7.94
CA GLY A 105 6.06 10.44 8.11
C GLY A 105 4.67 11.01 8.29
N ASP A 106 3.77 10.60 7.43
CA ASP A 106 2.44 11.05 7.47
C ASP A 106 1.71 10.52 8.69
N TYR A 107 2.00 9.30 9.13
CA TYR A 107 1.39 8.74 10.32
C TYR A 107 1.83 9.60 11.51
N LEU A 108 3.11 9.92 11.59
CA LEU A 108 3.65 10.71 12.71
C LEU A 108 3.09 12.13 12.86
N LEU A 109 2.91 12.80 11.72
CA LEU A 109 2.33 14.10 11.61
C LEU A 109 0.86 14.01 11.96
N PHE A 110 0.18 13.05 11.33
CA PHE A 110 -1.25 12.73 11.64
C PHE A 110 -1.41 12.55 13.15
N LYS A 111 -0.48 11.85 13.83
CA LYS A 111 -0.55 11.59 15.26
C LYS A 111 -0.48 12.85 16.12
N LYS A 112 0.52 13.70 15.86
CA LYS A 112 0.61 15.00 16.54
C LYS A 112 -0.64 15.86 16.39
N VAL A 113 -1.26 15.84 15.20
CA VAL A 113 -2.56 16.49 15.02
C VAL A 113 -3.61 15.94 16.01
N LEU A 114 -3.73 14.63 16.12
CA LEU A 114 -4.65 14.02 17.12
C LEU A 114 -4.29 14.36 18.55
N GLU A 115 -3.00 14.37 18.89
CA GLU A 115 -2.60 14.76 20.27
C GLU A 115 -3.13 16.14 20.64
N LEU A 116 -2.99 17.04 19.68
CA LEU A 116 -3.48 18.42 19.76
C LEU A 116 -4.98 18.48 19.73
N MET A 117 -5.63 17.49 19.10
CA MET A 117 -7.10 17.41 19.19
C MET A 117 -7.57 16.84 20.53
N GLY A 118 -6.84 15.86 21.07
CA GLY A 118 -7.05 15.31 22.39
C GLY A 118 -7.17 16.39 23.49
N THR A 119 -6.43 17.47 23.30
CA THR A 119 -6.19 18.53 24.27
C THR A 119 -7.02 19.79 23.99
N LYS A 120 -7.86 19.70 22.96
CA LYS A 120 -8.65 20.84 22.47
C LYS A 120 -7.83 22.00 21.97
N GLU A 121 -6.55 21.82 21.74
CA GLU A 121 -5.81 22.97 21.26
C GLU A 121 -6.22 23.32 19.83
N HIS A 122 -6.95 22.42 19.17
CA HIS A 122 -7.53 22.69 17.86
C HIS A 122 -8.63 23.72 17.86
N LEU A 123 -9.30 23.89 18.98
CA LEU A 123 -10.32 24.90 19.14
C LEU A 123 -9.71 26.27 19.52
N THR A 124 -8.37 26.39 19.53
CA THR A 124 -7.68 27.68 19.74
C THR A 124 -6.94 28.11 18.46
N GLN A 125 -6.63 29.39 18.36
CA GLN A 125 -5.97 30.02 17.20
C GLN A 125 -4.49 29.54 16.99
N ARG A 126 -3.77 29.36 18.09
CA ARG A 126 -2.39 28.84 18.07
C ARG A 126 -2.34 27.36 17.67
N GLY A 127 -3.18 26.55 18.31
CA GLY A 127 -3.19 25.11 18.08
C GLY A 127 -3.61 24.85 16.64
N LEU A 128 -4.69 25.51 16.20
CA LEU A 128 -5.08 25.50 14.77
C LEU A 128 -3.91 25.81 13.80
N GLU A 129 -3.14 26.86 14.09
CA GLU A 129 -1.95 27.17 13.28
C GLU A 129 -0.88 26.09 13.27
N LYS A 130 -0.73 25.40 14.40
CA LYS A 130 0.16 24.24 14.53
C LYS A 130 -0.30 23.17 13.60
N ILE A 131 -1.60 22.85 13.68
CA ILE A 131 -2.23 21.79 12.88
C ILE A 131 -2.16 22.02 11.36
N VAL A 132 -2.24 23.29 10.97
CA VAL A 132 -2.14 23.66 9.56
C VAL A 132 -0.69 23.47 9.06
N SER A 133 0.27 23.88 9.89
CA SER A 133 1.70 23.61 9.59
C SER A 133 1.90 22.11 9.47
N LEU A 134 1.48 21.36 10.48
CA LEU A 134 1.50 19.87 10.36
C LEU A 134 0.85 19.39 9.06
N LYS A 135 -0.39 19.80 8.78
CA LYS A 135 -1.10 19.31 7.59
C LYS A 135 -0.33 19.60 6.31
N ALA A 136 0.45 20.68 6.32
CA ALA A 136 1.21 21.11 5.14
C ALA A 136 2.29 20.13 4.72
N SER A 137 2.83 19.38 5.67
CA SER A 137 3.83 18.42 5.35
C SER A 137 3.37 16.97 5.08
N ILE A 138 2.04 16.72 5.13
CA ILE A 138 1.40 15.40 4.90
C ILE A 138 1.21 15.13 3.40
N ASN A 139 0.73 16.11 2.65
CA ASN A 139 0.73 15.98 1.19
C ASN A 139 1.15 17.24 0.37
N LYS A 140 2.48 17.32 0.12
CA LYS A 140 3.20 18.37 -0.71
C LYS A 140 2.73 19.84 -0.57
N GLY A 141 2.11 20.19 0.57
CA GLY A 141 1.47 21.49 0.81
C GLY A 141 0.01 21.48 1.28
N LEU A 142 -0.45 22.71 1.39
CA LEU A 142 -1.82 23.08 1.68
C LEU A 142 -2.49 23.41 0.37
N SER A 143 -3.82 23.29 0.34
CA SER A 143 -4.64 23.78 -0.78
C SER A 143 -4.47 25.28 -0.98
N GLU A 144 -4.90 25.75 -2.15
CA GLU A 144 -4.96 27.19 -2.43
C GLU A 144 -5.63 27.94 -1.32
N GLU A 145 -6.75 27.41 -0.84
CA GLU A 145 -7.60 28.09 0.15
C GLU A 145 -6.94 28.31 1.56
N LEU A 146 -6.24 27.26 2.01
CA LEU A 146 -5.61 27.20 3.33
C LEU A 146 -4.27 27.95 3.33
N GLN A 147 -3.49 27.80 2.27
CA GLN A 147 -2.35 28.68 1.97
C GLN A 147 -2.69 30.20 2.16
N ALA A 148 -3.79 30.65 1.59
CA ALA A 148 -4.25 32.03 1.77
C ALA A 148 -4.84 32.36 3.14
N ALA A 149 -5.49 31.39 3.79
CA ALA A 149 -6.00 31.67 5.15
C ALA A 149 -4.83 31.82 6.14
N PHE A 150 -3.72 31.12 5.82
CA PHE A 150 -2.59 30.90 6.71
C PHE A 150 -1.32 31.13 5.92
N PRO A 151 -1.11 32.39 5.47
CA PRO A 151 0.10 32.71 4.68
C PRO A 151 1.39 32.60 5.53
N GLN A 152 1.23 32.86 6.84
CA GLN A 152 2.26 32.75 7.88
C GLN A 152 2.71 31.34 8.34
N CYS A 153 2.17 30.26 7.82
CA CYS A 153 2.53 28.99 8.43
C CYS A 153 3.74 28.43 7.67
N VAL A 154 4.72 27.96 8.43
CA VAL A 154 5.82 27.20 7.88
C VAL A 154 5.47 25.71 8.14
N PRO A 155 5.41 24.90 7.06
CA PRO A 155 5.19 23.49 7.22
C PRO A 155 6.12 22.90 8.27
N THR A 156 5.59 22.01 9.12
CA THR A 156 6.32 21.28 10.13
C THR A 156 7.27 20.33 9.43
N PRO A 157 8.61 20.44 9.70
CA PRO A 157 9.50 19.69 8.78
C PRO A 157 9.26 18.15 8.83
N ARG A 158 9.35 17.48 7.71
CA ARG A 158 9.05 16.01 7.73
C ARG A 158 10.03 15.19 8.56
N PRO A 159 9.53 14.24 9.39
CA PRO A 159 10.31 13.28 10.18
C PRO A 159 11.46 12.62 9.40
N GLU A 160 12.64 12.60 10.01
CA GLU A 160 13.78 11.94 9.39
C GLU A 160 13.52 10.45 9.71
N ILE A 161 13.33 9.62 8.66
CA ILE A 161 12.86 8.21 8.83
C ILE A 161 13.93 7.29 8.25
N ASN A 162 15.03 7.14 8.97
CA ASN A 162 16.20 6.50 8.38
C ASN A 162 16.15 4.98 8.48
N ASN A 163 16.77 4.32 7.47
CA ASN A 163 17.21 2.91 7.53
C ASN A 163 16.22 1.97 8.24
N LYS A 164 15.07 1.76 7.63
CA LYS A 164 14.09 0.89 8.22
C LYS A 164 14.10 -0.49 7.53
N ASN A 165 14.47 -1.49 8.33
CA ASN A 165 14.34 -2.89 7.95
C ASN A 165 12.89 -3.36 8.03
N ILE A 166 12.59 -4.25 7.10
CA ILE A 166 11.41 -5.12 7.12
C ILE A 166 11.28 -5.80 8.47
N PRO A 167 10.22 -5.42 9.24
CA PRO A 167 10.11 -5.91 10.60
C PRO A 167 9.76 -7.39 10.68
N ASP A 168 9.12 -7.96 9.68
CA ASP A 168 8.64 -9.31 9.84
C ASP A 168 8.26 -9.78 8.45
N PRO A 169 8.39 -11.07 8.12
CA PRO A 169 7.91 -11.56 6.77
C PRO A 169 6.43 -11.26 6.38
N PHE A 170 5.56 -11.30 7.37
CA PHE A 170 4.17 -10.91 7.16
C PHE A 170 3.99 -9.48 6.74
N TRP A 171 4.91 -8.60 7.15
CA TRP A 171 4.92 -7.25 6.63
C TRP A 171 4.90 -7.27 5.08
N LEU A 172 5.76 -8.11 4.52
CA LEU A 172 5.98 -8.16 3.06
C LEU A 172 4.77 -8.79 2.38
N ALA A 173 4.26 -9.86 2.96
CA ALA A 173 2.96 -10.41 2.47
C ALA A 173 1.94 -9.34 2.45
N GLY A 174 1.79 -8.63 3.54
CA GLY A 174 0.82 -7.51 3.57
C GLY A 174 1.12 -6.45 2.53
N PHE A 175 2.39 -6.07 2.43
CA PHE A 175 2.69 -4.98 1.54
C PHE A 175 2.45 -5.34 0.08
N VAL A 176 2.85 -6.54 -0.32
CA VAL A 176 2.68 -7.02 -1.70
C VAL A 176 1.18 -7.18 -1.98
N SER A 177 0.38 -7.48 -0.97
CA SER A 177 -1.05 -7.53 -1.18
C SER A 177 -1.60 -6.22 -1.67
N GLY A 178 -1.05 -5.08 -1.22
CA GLY A 178 -1.53 -3.76 -1.66
C GLY A 178 -0.90 -3.23 -2.93
N ASP A 179 0.40 -3.24 -2.95
CA ASP A 179 1.18 -2.91 -4.11
C ASP A 179 1.94 -4.16 -4.45
N GLY A 180 2.04 -4.54 -5.71
CA GLY A 180 2.64 -5.86 -6.07
C GLY A 180 1.84 -6.48 -7.17
N SER A 181 2.52 -7.07 -8.17
CA SER A 181 1.91 -7.72 -9.29
C SER A 181 2.54 -9.07 -9.57
N PHE A 182 1.69 -10.09 -9.77
CA PHE A 182 2.22 -11.35 -10.28
C PHE A 182 1.88 -11.38 -11.76
N LYS A 183 2.84 -11.00 -12.61
CA LYS A 183 2.57 -10.81 -14.02
C LYS A 183 2.90 -12.07 -14.81
N SER A 184 2.07 -12.41 -15.77
CA SER A 184 2.33 -13.47 -16.76
C SER A 184 2.39 -12.79 -18.12
N ILE A 185 3.49 -12.98 -18.84
CA ILE A 185 3.63 -12.37 -20.14
C ILE A 185 3.83 -13.45 -21.22
N LEU A 186 3.22 -13.21 -22.36
CA LEU A 186 3.43 -14.01 -23.54
C LEU A 186 3.96 -13.09 -24.60
N LYS A 187 5.20 -13.34 -25.02
CA LYS A 187 5.97 -12.45 -25.86
C LYS A 187 6.26 -13.12 -27.18
N LYS A 188 6.03 -12.43 -28.29
CA LYS A 188 6.42 -12.93 -29.61
C LYS A 188 7.92 -13.30 -29.70
N SER A 189 8.18 -14.50 -30.20
CA SER A 189 9.49 -15.06 -30.33
C SER A 189 9.60 -15.70 -31.69
N GLU A 190 10.69 -15.36 -32.35
CA GLU A 190 10.98 -15.77 -33.70
C GLU A 190 11.62 -17.14 -33.67
N SER A 191 12.27 -17.46 -32.54
CA SER A 191 13.11 -18.64 -32.40
C SER A 191 12.50 -19.79 -31.56
N ILE A 192 11.56 -19.50 -30.67
CA ILE A 192 10.85 -20.58 -29.94
C ILE A 192 9.90 -21.30 -30.93
N LYS A 193 9.80 -22.63 -30.82
CA LYS A 193 8.99 -23.40 -31.80
C LYS A 193 7.52 -23.03 -31.75
N VAL A 194 6.93 -22.88 -30.57
CA VAL A 194 5.51 -22.46 -30.43
C VAL A 194 5.21 -20.98 -30.65
N GLY A 195 6.22 -20.18 -30.90
CA GLY A 195 6.01 -18.80 -31.38
C GLY A 195 6.01 -17.75 -30.31
N PHE A 196 5.97 -18.15 -29.06
CA PHE A 196 5.79 -17.21 -27.98
C PHE A 196 6.56 -17.68 -26.81
N GLN A 197 7.19 -16.71 -26.08
CA GLN A 197 7.95 -16.98 -24.82
C GLN A 197 7.02 -16.72 -23.63
N SER A 198 7.03 -17.61 -22.64
CA SER A 198 6.18 -17.46 -21.49
C SER A 198 7.12 -16.93 -20.42
N ILE A 199 6.77 -15.75 -19.94
CA ILE A 199 7.60 -15.02 -19.03
C ILE A 199 6.78 -14.79 -17.76
N LEU A 200 7.35 -15.04 -16.61
CA LEU A 200 6.73 -14.66 -15.34
C LEU A 200 7.54 -13.51 -14.74
N VAL A 201 6.85 -12.43 -14.33
CA VAL A 201 7.51 -11.36 -13.61
C VAL A 201 6.75 -11.10 -12.26
N PHE A 202 7.55 -11.01 -11.20
CA PHE A 202 7.14 -10.46 -9.95
C PHE A 202 7.63 -9.00 -9.86
N GLN A 203 6.75 -8.14 -9.46
CA GLN A 203 6.99 -6.74 -9.58
C GLN A 203 6.31 -5.91 -8.49
N ILE A 204 7.09 -5.08 -7.81
CA ILE A 204 6.54 -4.08 -6.85
C ILE A 204 6.88 -2.66 -7.37
N THR A 205 5.82 -1.87 -7.57
CA THR A 205 5.90 -0.43 -7.87
C THR A 205 5.79 0.42 -6.60
N GLN A 206 6.60 1.47 -6.53
CA GLN A 206 6.58 2.46 -5.44
C GLN A 206 7.13 3.74 -5.95
N HIS A 207 6.65 4.84 -5.41
CA HIS A 207 7.28 6.12 -5.54
C HIS A 207 8.75 6.05 -5.09
N ALA A 208 9.55 6.86 -5.81
CA ALA A 208 10.99 6.89 -5.74
C ALA A 208 11.48 7.42 -4.40
N ARG A 209 10.70 8.24 -3.70
CA ARG A 209 10.86 8.49 -2.28
C ARG A 209 11.14 7.28 -1.39
N ASP A 210 10.55 6.10 -1.68
CA ASP A 210 10.87 4.89 -0.99
C ASP A 210 12.00 4.05 -1.59
N VAL A 211 13.01 4.68 -2.22
CA VAL A 211 14.13 3.94 -2.78
C VAL A 211 14.88 2.97 -1.81
N LYS A 212 15.04 3.41 -0.57
CA LYS A 212 15.66 2.60 0.46
C LYS A 212 14.87 1.36 0.68
N LEU A 213 13.55 1.48 0.76
CA LEU A 213 12.79 0.31 0.97
C LEU A 213 12.98 -0.62 -0.26
N MET A 214 12.93 -0.01 -1.41
CA MET A 214 13.03 -0.79 -2.62
C MET A 214 14.36 -1.52 -2.69
N GLU A 215 15.44 -0.88 -2.27
CA GLU A 215 16.77 -1.50 -2.23
C GLU A 215 16.87 -2.60 -1.15
N SER A 216 16.15 -2.45 -0.05
CA SER A 216 16.13 -3.50 0.92
C SER A 216 15.37 -4.71 0.45
N LEU A 217 14.51 -4.61 -0.57
CA LEU A 217 13.83 -5.80 -1.04
C LEU A 217 14.81 -6.76 -1.72
N ILE A 218 15.92 -6.24 -2.25
CA ILE A 218 16.85 -7.09 -2.94
C ILE A 218 17.58 -7.97 -1.95
N SER A 219 18.07 -7.40 -0.86
CA SER A 219 18.75 -8.21 0.13
C SER A 219 17.73 -9.10 0.86
N TYR A 220 16.54 -8.61 1.18
CA TYR A 220 15.59 -9.44 1.92
C TYR A 220 15.20 -10.71 1.10
N LEU A 221 14.90 -10.56 -0.16
CA LEU A 221 14.53 -11.73 -0.95
C LEU A 221 15.70 -12.43 -1.66
N GLY A 222 16.87 -11.84 -1.66
CA GLY A 222 18.03 -12.51 -2.26
C GLY A 222 17.96 -12.64 -3.76
N CYS A 223 17.19 -11.72 -4.39
CA CYS A 223 16.99 -11.66 -5.85
C CYS A 223 16.31 -10.30 -6.28
N GLY A 224 16.33 -10.06 -7.59
CA GLY A 224 15.61 -8.98 -8.24
C GLY A 224 16.47 -7.77 -8.52
N PHE A 225 15.89 -6.77 -9.16
CA PHE A 225 16.64 -5.53 -9.40
C PHE A 225 15.70 -4.37 -9.48
N ILE A 226 16.21 -3.14 -9.23
CA ILE A 226 15.41 -1.91 -9.33
C ILE A 226 15.50 -1.26 -10.72
N GLU A 227 14.40 -0.81 -11.27
CA GLU A 227 14.41 0.04 -12.43
C GLU A 227 13.54 1.29 -12.20
N LYS A 228 13.99 2.40 -12.76
CA LYS A 228 13.29 3.67 -12.69
C LYS A 228 12.37 3.83 -13.89
N ASP A 229 11.11 4.22 -13.72
CA ASP A 229 10.21 4.56 -14.85
C ASP A 229 10.67 5.83 -15.44
N SER A 230 10.95 5.87 -16.74
CA SER A 230 11.51 7.09 -17.40
C SER A 230 10.54 8.27 -17.61
N ARG A 231 9.27 8.09 -17.24
CA ARG A 231 8.21 9.10 -17.38
C ARG A 231 7.91 9.83 -16.06
N GLY A 232 8.56 9.44 -14.97
CA GLY A 232 8.34 10.05 -13.65
C GLY A 232 8.97 9.30 -12.50
N PRO A 233 8.74 9.80 -11.26
CA PRO A 233 9.48 9.40 -10.05
C PRO A 233 8.92 8.13 -9.41
N TRP A 234 9.00 7.02 -10.14
CA TRP A 234 8.42 5.75 -9.67
C TRP A 234 9.45 4.66 -9.97
N LEU A 235 9.59 3.69 -9.05
CA LEU A 235 10.59 2.62 -9.12
C LEU A 235 9.86 1.31 -9.22
N TYR A 236 10.53 0.38 -9.90
CA TYR A 236 10.06 -1.00 -9.93
C TYR A 236 11.09 -1.91 -9.27
N TYR A 237 10.64 -2.75 -8.35
CA TYR A 237 11.39 -3.90 -7.93
C TYR A 237 10.92 -5.05 -8.78
N THR A 238 11.82 -5.63 -9.57
CA THR A 238 11.46 -6.62 -10.57
C THR A 238 12.23 -7.90 -10.35
N VAL A 239 11.51 -9.02 -10.34
CA VAL A 239 12.12 -10.36 -10.53
C VAL A 239 11.66 -11.04 -11.82
N THR A 240 12.60 -11.35 -12.70
CA THR A 240 12.31 -12.07 -13.96
C THR A 240 13.07 -13.43 -14.20
N ASN A 241 14.14 -13.62 -13.42
CA ASN A 241 14.87 -14.85 -13.37
C ASN A 241 14.02 -15.98 -12.84
N PHE A 242 13.77 -17.01 -13.63
CA PHE A 242 12.73 -17.99 -13.31
C PHE A 242 13.08 -18.88 -12.17
N SER A 243 14.34 -19.18 -11.98
CA SER A 243 14.78 -19.95 -10.86
C SER A 243 14.72 -19.14 -9.56
N ASP A 244 14.75 -17.82 -9.64
CA ASP A 244 14.57 -17.03 -8.45
C ASP A 244 13.08 -16.98 -8.12
N ILE A 245 12.26 -16.94 -9.15
CA ILE A 245 10.84 -17.19 -9.02
C ILE A 245 10.47 -18.51 -8.39
N GLN A 246 10.95 -19.62 -8.94
CA GLN A 246 10.65 -20.96 -8.38
C GLN A 246 11.25 -21.07 -7.00
N GLY A 247 12.50 -20.64 -6.85
CA GLY A 247 13.29 -20.92 -5.67
C GLY A 247 13.18 -19.95 -4.50
N LYS A 248 12.73 -18.72 -4.77
CA LYS A 248 12.69 -17.68 -3.70
C LYS A 248 11.32 -17.05 -3.51
N ILE A 249 10.70 -16.59 -4.60
CA ILE A 249 9.49 -15.81 -4.51
C ILE A 249 8.29 -16.74 -4.27
N ILE A 250 8.15 -17.80 -5.09
CA ILE A 250 7.02 -18.71 -4.86
C ILE A 250 7.01 -19.28 -3.43
N PRO A 251 8.13 -19.81 -2.97
CA PRO A 251 8.21 -20.23 -1.55
C PRO A 251 7.89 -19.19 -0.55
N PHE A 252 8.38 -17.98 -0.71
CA PHE A 252 8.11 -16.95 0.25
C PHE A 252 6.60 -16.77 0.44
N PHE A 253 5.92 -16.47 -0.65
CA PHE A 253 4.44 -16.19 -0.63
C PHE A 253 3.53 -17.43 -0.39
N HIS A 254 4.14 -18.62 -0.37
CA HIS A 254 3.48 -19.84 0.02
C HIS A 254 3.37 -19.87 1.50
N GLN A 255 4.44 -19.57 2.24
CA GLN A 255 4.31 -19.46 3.70
C GLN A 255 3.63 -18.19 4.06
N TYR A 256 4.05 -17.06 3.47
CA TYR A 256 3.50 -15.78 3.89
C TYR A 256 2.56 -15.33 2.85
N LYS A 257 1.34 -15.81 3.01
CA LYS A 257 0.31 -15.69 1.98
C LYS A 257 -0.18 -14.28 1.71
N ILE A 258 -0.46 -14.06 0.43
CA ILE A 258 -1.05 -12.79 -0.03
C ILE A 258 -2.51 -12.81 0.46
N ILE A 259 -2.98 -11.64 0.85
CA ILE A 259 -4.40 -11.37 1.22
C ILE A 259 -5.17 -10.60 0.12
N GLY A 260 -6.49 -10.76 0.16
CA GLY A 260 -7.38 -10.25 -0.86
C GLY A 260 -7.42 -11.20 -2.02
N SER A 261 -8.17 -10.77 -3.02
CA SER A 261 -8.38 -11.51 -4.25
C SER A 261 -7.11 -11.77 -5.05
N LYS A 262 -6.18 -10.86 -4.94
CA LYS A 262 -4.81 -11.07 -5.48
C LYS A 262 -4.22 -12.42 -5.12
N TYR A 263 -4.64 -13.03 -4.00
CA TYR A 263 -4.23 -14.38 -3.69
C TYR A 263 -4.53 -15.42 -4.83
N GLY A 264 -5.73 -15.33 -5.44
CA GLY A 264 -6.19 -16.13 -6.64
C GLY A 264 -5.22 -15.88 -7.79
N ASP A 265 -4.74 -14.65 -7.95
CA ASP A 265 -3.72 -14.34 -8.95
C ASP A 265 -2.34 -14.95 -8.68
N TYR A 266 -1.88 -14.91 -7.43
CA TYR A 266 -0.68 -15.62 -7.07
C TYR A 266 -0.84 -17.13 -7.39
N MET A 267 -1.98 -17.71 -7.10
CA MET A 267 -2.17 -19.13 -7.25
C MET A 267 -2.13 -19.54 -8.71
N ASP A 268 -2.69 -18.72 -9.57
CA ASP A 268 -2.65 -18.99 -11.00
C ASP A 268 -1.24 -18.85 -11.60
N TRP A 269 -0.48 -17.92 -11.03
CA TRP A 269 0.84 -17.60 -11.46
C TRP A 269 1.68 -18.78 -11.06
N CYS A 270 1.39 -19.33 -9.88
CA CYS A 270 2.04 -20.59 -9.46
CA CYS A 270 2.02 -20.57 -9.43
C CYS A 270 1.78 -21.76 -10.39
N LYS A 271 0.56 -21.82 -10.91
CA LYS A 271 0.15 -22.83 -11.81
C LYS A 271 0.89 -22.69 -13.11
N ILE A 272 1.07 -21.46 -13.57
CA ILE A 272 1.84 -21.21 -14.77
C ILE A 272 3.28 -21.68 -14.55
N ALA A 273 3.87 -21.27 -13.44
CA ALA A 273 5.18 -21.70 -13.05
C ALA A 273 5.38 -23.24 -13.03
N LEU A 274 4.43 -23.99 -12.49
CA LEU A 274 4.52 -25.45 -12.54
C LEU A 274 4.60 -25.96 -13.98
N ILE A 275 3.83 -25.36 -14.87
CA ILE A 275 3.86 -25.74 -16.29
C ILE A 275 5.23 -25.43 -16.89
N MET A 276 5.79 -24.31 -16.44
CA MET A 276 7.10 -23.94 -16.88
C MET A 276 8.23 -24.87 -16.37
N GLN A 277 8.14 -25.22 -15.09
CA GLN A 277 9.13 -26.16 -14.47
C GLN A 277 9.21 -27.53 -15.25
N ASN A 278 8.04 -28.07 -15.62
CA ASN A 278 7.90 -29.29 -16.42
C ASN A 278 8.26 -29.11 -17.90
N LYS A 279 8.44 -27.86 -18.34
CA LYS A 279 8.82 -27.54 -19.70
C LYS A 279 7.63 -27.63 -20.62
N ASN A 280 6.41 -27.67 -20.07
CA ASN A 280 5.24 -27.81 -20.97
C ASN A 280 4.87 -26.50 -21.72
N HIS A 281 5.39 -25.37 -21.24
CA HIS A 281 5.30 -24.07 -21.94
C HIS A 281 5.86 -24.08 -23.33
N LEU A 282 6.78 -25.02 -23.59
CA LEU A 282 7.37 -25.17 -24.92
C LEU A 282 6.54 -26.01 -25.86
N THR A 283 5.35 -26.47 -25.44
CA THR A 283 4.44 -27.20 -26.36
C THR A 283 3.18 -26.45 -26.68
N PRO A 284 2.51 -26.81 -27.80
CA PRO A 284 1.20 -26.12 -28.04
C PRO A 284 0.14 -26.18 -26.89
N GLU A 285 0.04 -27.35 -26.28
CA GLU A 285 -0.87 -27.66 -25.20
C GLU A 285 -0.60 -26.84 -23.97
N GLY A 286 0.63 -26.88 -23.48
CA GLY A 286 0.98 -26.06 -22.33
C GLY A 286 0.81 -24.52 -22.50
N LEU A 287 1.18 -24.02 -23.69
CA LEU A 287 1.00 -22.62 -24.09
C LEU A 287 -0.48 -22.16 -23.97
N ASN A 288 -1.39 -22.93 -24.57
CA ASN A 288 -2.84 -22.80 -24.30
C ASN A 288 -3.31 -22.92 -22.84
N GLU A 289 -2.82 -23.88 -22.05
CA GLU A 289 -3.11 -23.92 -20.60
C GLU A 289 -2.78 -22.54 -19.97
N ILE A 290 -1.57 -22.08 -20.28
CA ILE A 290 -1.09 -20.79 -19.83
C ILE A 290 -1.93 -19.62 -20.39
N ARG A 291 -2.24 -19.60 -21.68
CA ARG A 291 -3.20 -18.59 -22.13
C ARG A 291 -4.51 -18.58 -21.29
N ALA A 292 -5.01 -19.75 -20.93
CA ALA A 292 -6.32 -19.85 -20.21
C ALA A 292 -6.17 -19.41 -18.73
N LEU A 293 -5.04 -19.72 -18.10
CA LEU A 293 -4.81 -19.31 -16.72
C LEU A 293 -4.63 -17.78 -16.60
N LYS A 294 -3.88 -17.25 -17.52
CA LYS A 294 -3.63 -15.82 -17.67
C LYS A 294 -4.89 -15.06 -17.97
N GLY A 295 -5.71 -15.57 -18.85
CA GLY A 295 -7.04 -15.01 -19.03
C GLY A 295 -7.92 -14.81 -17.78
N GLY A 296 -7.92 -15.78 -16.87
CA GLY A 296 -8.68 -15.67 -15.62
C GLY A 296 -8.01 -14.88 -14.51
N MET A 297 -6.81 -14.33 -14.74
CA MET A 297 -6.12 -13.53 -13.72
C MET A 297 -6.55 -12.08 -13.86
N ASN A 298 -6.42 -11.29 -12.79
CA ASN A 298 -7.20 -10.01 -12.59
C ASN A 298 -8.75 -10.10 -12.92
N LYS A 299 -9.44 -11.26 -12.68
CA LYS A 299 -10.80 -11.56 -13.29
C LYS A 299 -12.01 -12.05 -12.43
N GLY A 300 -12.28 -13.37 -12.41
CA GLY A 300 -13.43 -14.02 -11.72
C GLY A 300 -14.83 -13.46 -11.93
#